data_6VWE
#
_entry.id   6VWE
#
_cell.length_a   101.855
_cell.length_b   35.619
_cell.length_c   71.651
_cell.angle_alpha   90.00
_cell.angle_beta   95.92
_cell.angle_gamma   90.00
#
_symmetry.space_group_name_H-M   'C 1 2 1'
#
loop_
_entity.id
_entity.type
_entity.pdbx_description
1 polymer 'Transcriptional regulator, PadR-like family'
2 non-polymer bis[diethyl(methyl)-lambda~5~-phosphanyl]{bis[{[(2-{[2-(2,5-dioxopyrrolidin-1-yl)ethyl]amino}-2-oxoethyl)amino]methyl}(diethyl)-lambda~5~-phosphanyl]}rhodium
3 water water
#
_entity_poly.entity_id   1
_entity_poly.type   'polypeptide(L)'
_entity_poly.pdbx_seq_one_letter_code
;GSMGAEIPKEMLRAQTNVILLNVLKQGDNYVYGIIKQVKEASNGEMELNEATLYTIFDRLEQDGIISSYWGDESQGGRRK
YYRLTEIGHENCRLAFESWSRVRKIIENLEANKKSEAIK
;
_entity_poly.pdbx_strand_id   A,B
#
# COMPACT_ATOMS: atom_id res chain seq x y z
N PRO A 8 -2.88 -13.57 3.17
CA PRO A 8 -3.88 -12.96 2.29
C PRO A 8 -3.27 -12.54 0.95
N LYS A 9 -3.55 -13.32 -0.09
CA LYS A 9 -2.69 -13.43 -1.28
C LYS A 9 -2.39 -12.08 -1.93
N GLU A 10 -3.40 -11.23 -2.06
CA GLU A 10 -3.18 -9.94 -2.72
C GLU A 10 -2.33 -9.01 -1.87
N MET A 11 -2.55 -9.00 -0.55
CA MET A 11 -1.70 -8.20 0.31
C MET A 11 -0.28 -8.77 0.37
N LEU A 12 -0.15 -10.09 0.49
CA LEU A 12 1.16 -10.73 0.47
C LEU A 12 1.90 -10.44 -0.83
N ARG A 13 1.18 -10.43 -1.94
CA ARG A 13 1.77 -10.07 -3.22
C ARG A 13 2.25 -8.62 -3.22
N ALA A 14 1.37 -7.69 -2.81
CA ALA A 14 1.79 -6.29 -2.79
C ALA A 14 2.95 -6.08 -1.83
N GLN A 15 2.98 -6.82 -0.72
CA GLN A 15 4.09 -6.72 0.20
C GLN A 15 5.38 -7.17 -0.47
N THR A 16 5.32 -8.33 -1.16
CA THR A 16 6.48 -8.80 -1.88
C THR A 16 6.96 -7.76 -2.87
N ASN A 17 6.01 -7.13 -3.56
CA ASN A 17 6.36 -6.11 -4.54
C ASN A 17 7.09 -4.95 -3.87
N VAL A 18 6.58 -4.50 -2.75
CA VAL A 18 7.23 -3.40 -2.07
C VAL A 18 8.65 -3.78 -1.67
N ILE A 19 8.83 -5.01 -1.22
CA ILE A 19 10.16 -5.45 -0.80
C ILE A 19 11.11 -5.55 -1.99
N LEU A 20 10.66 -6.11 -3.10
CA LEU A 20 11.50 -6.18 -4.29
C LEU A 20 11.88 -4.79 -4.78
N LEU A 21 10.89 -3.89 -4.86
CA LEU A 21 11.15 -2.53 -5.30
C LEU A 21 12.17 -1.86 -4.40
N ASN A 22 12.11 -2.11 -3.09
CA ASN A 22 13.08 -1.51 -2.19
C ASN A 22 14.47 -2.10 -2.42
N VAL A 23 14.56 -3.41 -2.63
CA VAL A 23 15.87 -4.00 -2.90
C VAL A 23 16.51 -3.33 -4.10
N LEU A 24 15.74 -3.15 -5.17
CA LEU A 24 16.28 -2.51 -6.37
C LEU A 24 16.53 -1.02 -6.12
N LYS A 25 15.79 -0.40 -5.20
CA LYS A 25 16.14 0.96 -4.85
C LYS A 25 17.52 1.00 -4.22
N GLN A 26 17.88 -0.04 -3.45
CA GLN A 26 19.23 -0.15 -2.91
C GLN A 26 20.28 -0.20 -4.01
N GLY A 27 19.95 -0.80 -5.14
CA GLY A 27 20.91 -0.99 -6.20
C GLY A 27 20.65 -2.24 -7.02
N ASP A 28 21.15 -2.21 -8.26
CA ASP A 28 20.94 -3.28 -9.25
C ASP A 28 21.30 -4.63 -8.66
N ASN A 29 20.60 -5.67 -9.13
CA ASN A 29 20.73 -6.97 -8.50
C ASN A 29 20.22 -8.04 -9.45
N TYR A 30 20.45 -9.28 -9.07
CA TYR A 30 20.02 -10.42 -9.85
C TYR A 30 19.21 -11.34 -8.95
N VAL A 31 18.43 -12.22 -9.58
CA VAL A 31 17.37 -12.92 -8.87
C VAL A 31 17.91 -13.62 -7.64
N TYR A 32 18.97 -14.41 -7.82
CA TYR A 32 19.43 -15.23 -6.71
C TYR A 32 19.94 -14.36 -5.57
N GLY A 33 20.67 -13.29 -5.92
CA GLY A 33 21.15 -12.38 -4.90
C GLY A 33 20.01 -11.69 -4.18
N ILE A 34 18.97 -11.31 -4.92
CA ILE A 34 17.79 -10.70 -4.31
C ILE A 34 17.19 -11.65 -3.28
N ILE A 35 17.01 -12.91 -3.68
CA ILE A 35 16.42 -13.90 -2.77
C ILE A 35 17.28 -14.03 -1.52
N LYS A 36 18.61 -14.09 -1.69
CA LYS A 36 19.52 -14.18 -0.55
C LYS A 36 19.38 -12.99 0.39
N GLN A 37 19.38 -11.78 -0.18
CA GLN A 37 19.32 -10.59 0.64
C GLN A 37 18.01 -10.55 1.41
N VAL A 38 16.91 -10.95 0.75
CA VAL A 38 15.60 -10.98 1.43
C VAL A 38 15.61 -12.02 2.56
N LYS A 39 16.20 -13.20 2.31
CA LYS A 39 16.23 -14.22 3.33
C LYS A 39 16.98 -13.73 4.57
N GLU A 40 18.12 -13.08 4.36
CA GLU A 40 18.94 -12.63 5.48
C GLU A 40 18.35 -11.38 6.15
N ALA A 41 17.69 -10.52 5.37
CA ALA A 41 17.07 -9.34 5.95
C ALA A 41 15.81 -9.70 6.72
N SER A 42 15.12 -10.75 6.30
CA SER A 42 13.94 -11.23 7.01
C SER A 42 14.31 -12.25 8.07
N ASN A 43 15.61 -12.38 8.36
CA ASN A 43 16.12 -13.33 9.35
C ASN A 43 15.59 -14.74 9.10
N GLY A 44 15.32 -15.04 7.82
CA GLY A 44 14.98 -16.39 7.44
C GLY A 44 13.50 -16.69 7.32
N GLU A 45 12.63 -15.72 7.57
CA GLU A 45 11.20 -16.00 7.58
C GLU A 45 10.54 -15.84 6.21
N MET A 46 11.19 -15.16 5.28
CA MET A 46 10.65 -14.95 3.94
C MET A 46 11.64 -15.49 2.92
N GLU A 47 11.44 -16.73 2.52
CA GLU A 47 12.23 -17.36 1.47
C GLU A 47 11.38 -17.33 0.21
N LEU A 48 11.74 -16.43 -0.72
CA LEU A 48 11.03 -16.31 -1.98
C LEU A 48 11.56 -17.33 -3.00
N ASN A 49 10.66 -17.88 -3.80
CA ASN A 49 11.01 -18.77 -4.91
C ASN A 49 11.25 -17.95 -6.15
N GLU A 50 12.17 -18.41 -7.00
CA GLU A 50 12.51 -17.56 -8.13
C GLU A 50 11.31 -17.36 -9.05
N ALA A 51 10.40 -18.35 -9.13
CA ALA A 51 9.27 -18.29 -10.06
C ALA A 51 8.39 -17.07 -9.80
N THR A 52 8.12 -16.79 -8.53
CA THR A 52 7.34 -15.60 -8.14
C THR A 52 8.05 -14.31 -8.51
N LEU A 53 9.36 -14.23 -8.22
CA LEU A 53 10.14 -13.11 -8.72
C LEU A 53 10.00 -12.97 -10.22
N TYR A 54 9.93 -14.09 -10.93
CA TYR A 54 9.92 -13.96 -12.37
C TYR A 54 8.59 -13.39 -12.84
N THR A 55 7.47 -13.88 -12.30
CA THR A 55 6.19 -13.31 -12.73
C THR A 55 6.13 -11.82 -12.42
N ILE A 56 6.63 -11.43 -11.24
CA ILE A 56 6.60 -10.04 -10.84
C ILE A 56 7.48 -9.16 -11.75
N PHE A 57 8.70 -9.61 -12.05
CA PHE A 57 9.61 -8.83 -12.90
C PHE A 57 9.17 -8.77 -14.36
N ASP A 58 8.49 -9.81 -14.84
CA ASP A 58 7.96 -9.71 -16.20
C ASP A 58 6.96 -8.57 -16.26
N ARG A 59 6.05 -8.51 -15.28
CA ARG A 59 5.06 -7.41 -15.29
C ARG A 59 5.73 -6.05 -15.08
N LEU A 60 6.70 -5.96 -14.16
CA LEU A 60 7.29 -4.65 -13.87
C LEU A 60 8.14 -4.15 -15.01
N GLU A 61 8.70 -5.07 -15.81
CA GLU A 61 9.51 -4.59 -16.91
C GLU A 61 8.65 -4.35 -18.14
N GLN A 62 7.57 -5.10 -18.35
CA GLN A 62 6.64 -4.69 -19.41
C GLN A 62 6.05 -3.32 -19.10
N ASP A 63 5.84 -3.00 -17.80
CA ASP A 63 5.33 -1.70 -17.38
C ASP A 63 6.43 -0.65 -17.19
N GLY A 64 7.68 -0.96 -17.55
CA GLY A 64 8.74 0.04 -17.59
C GLY A 64 9.28 0.44 -16.23
N ILE A 65 8.96 -0.29 -15.17
CA ILE A 65 9.41 0.08 -13.84
C ILE A 65 10.81 -0.44 -13.57
N ILE A 66 11.18 -1.58 -14.17
CA ILE A 66 12.52 -2.13 -14.04
C ILE A 66 12.99 -2.48 -15.44
N SER A 67 14.32 -2.52 -15.62
CA SER A 67 14.91 -3.02 -16.85
C SER A 67 16.00 -4.01 -16.49
N SER A 68 16.52 -4.70 -17.49
CA SER A 68 17.49 -5.74 -17.24
C SER A 68 18.62 -5.62 -18.25
N TYR A 69 19.82 -5.96 -17.80
CA TYR A 69 21.01 -6.01 -18.65
C TYR A 69 21.88 -7.19 -18.25
N TRP A 70 22.73 -7.64 -19.19
CA TRP A 70 23.62 -8.76 -18.88
C TRP A 70 24.88 -8.26 -18.20
N GLY A 71 25.08 -8.67 -16.94
CA GLY A 71 26.33 -8.40 -16.26
C GLY A 71 27.52 -9.02 -17.00
N ASP A 72 28.69 -8.45 -16.75
CA ASP A 72 29.92 -8.86 -17.44
C ASP A 72 30.58 -10.16 -16.95
N GLN A 75 32.17 -13.81 -12.53
CA GLN A 75 33.16 -14.79 -12.99
C GLN A 75 32.91 -15.20 -14.43
N GLY A 76 32.33 -16.38 -14.60
CA GLY A 76 32.00 -16.88 -15.92
C GLY A 76 30.78 -16.22 -16.54
N GLY A 77 29.85 -15.76 -15.70
CA GLY A 77 28.67 -15.05 -16.17
C GLY A 77 27.82 -15.76 -17.21
N ARG A 78 26.84 -15.06 -17.75
CA ARG A 78 26.62 -13.66 -17.36
C ARG A 78 25.32 -13.50 -16.59
N ARG A 79 25.41 -13.02 -15.35
CA ARG A 79 24.21 -12.80 -14.55
C ARG A 79 23.34 -11.75 -15.20
N LYS A 80 22.06 -12.06 -15.38
CA LYS A 80 21.05 -11.05 -15.73
C LYS A 80 20.80 -10.16 -14.53
N TYR A 81 21.15 -8.89 -14.65
CA TYR A 81 20.90 -7.92 -13.57
C TYR A 81 19.65 -7.13 -13.86
N TYR A 82 18.97 -6.74 -12.79
CA TYR A 82 17.76 -5.94 -12.87
C TYR A 82 18.00 -4.62 -12.16
N ARG A 83 17.56 -3.53 -12.75
CA ARG A 83 17.65 -2.21 -12.13
C ARG A 83 16.28 -1.55 -12.08
N LEU A 84 16.15 -0.62 -11.14
CA LEU A 84 15.00 0.28 -11.09
C LEU A 84 15.22 1.45 -12.06
N THR A 85 14.24 1.70 -12.93
CA THR A 85 14.37 2.76 -13.92
C THR A 85 14.03 4.11 -13.30
N GLU A 86 14.43 5.19 -13.97
CA GLU A 86 14.06 6.51 -13.47
C GLU A 86 12.55 6.63 -13.32
N ILE A 87 11.77 5.96 -14.17
CA ILE A 87 10.32 5.94 -13.96
C ILE A 87 9.98 5.34 -12.60
N GLY A 88 10.54 4.18 -12.27
CA GLY A 88 10.20 3.57 -10.99
C GLY A 88 10.65 4.40 -9.80
N HIS A 89 11.82 5.06 -9.94
CA HIS A 89 12.34 5.90 -8.88
C HIS A 89 11.45 7.10 -8.64
N GLU A 90 11.05 7.80 -9.71
CA GLU A 90 10.15 8.91 -9.44
C GLU A 90 8.75 8.45 -9.10
N ASN A 91 8.32 7.24 -9.51
CA ASN A 91 7.06 6.73 -8.99
C ASN A 91 7.15 6.51 -7.50
N CYS A 92 8.27 5.97 -7.02
CA CYS A 92 8.44 5.85 -5.59
C CYS A 92 8.36 7.21 -4.93
N ARG A 93 9.04 8.20 -5.51
CA ARG A 93 8.98 9.54 -4.94
C ARG A 93 7.54 10.04 -4.83
N LEU A 94 6.83 10.01 -5.96
CA LEU A 94 5.47 10.54 -6.01
C LEU A 94 4.57 9.83 -5.01
N ALA A 95 4.68 8.51 -4.98
CA ALA A 95 3.87 7.74 -4.06
C ALA A 95 4.16 8.15 -2.64
N PHE A 96 5.44 8.25 -2.28
CA PHE A 96 5.75 8.55 -0.90
C PHE A 96 5.15 9.88 -0.51
N GLU A 97 5.30 10.88 -1.39
CA GLU A 97 4.74 12.20 -1.10
C GLU A 97 3.23 12.16 -0.96
N SER A 98 2.55 11.50 -1.90
CA SER A 98 1.10 11.44 -1.88
C SER A 98 0.58 10.75 -0.62
N TRP A 99 1.25 9.67 -0.23
CA TRP A 99 0.81 8.92 0.93
C TRP A 99 1.12 9.63 2.22
N SER A 100 2.21 10.41 2.27
CA SER A 100 2.46 11.17 3.48
C SER A 100 1.48 12.33 3.62
N ARG A 101 1.05 12.91 2.50
CA ARG A 101 -0.12 13.77 2.55
C ARG A 101 -1.28 13.04 3.24
N VAL A 102 -1.62 11.85 2.72
CA VAL A 102 -2.70 11.07 3.32
C VAL A 102 -2.48 10.82 4.82
N ARG A 103 -1.23 10.59 5.19
CA ARG A 103 -0.91 10.33 6.58
C ARG A 103 -1.16 11.56 7.45
N LYS A 104 -0.87 12.74 6.94
CA LYS A 104 -1.17 13.95 7.68
C LYS A 104 -2.66 14.08 7.93
N ILE A 105 -3.48 13.78 6.91
CA ILE A 105 -4.93 13.88 7.05
C ILE A 105 -5.40 12.98 8.18
N ILE A 106 -4.81 11.79 8.27
CA ILE A 106 -5.20 10.85 9.32
C ILE A 106 -4.88 11.43 10.68
N GLU A 107 -3.68 11.95 10.83
CA GLU A 107 -3.29 12.58 12.07
C GLU A 107 -4.25 13.72 12.41
N ASN A 108 -4.61 14.51 11.42
CA ASN A 108 -5.52 15.63 11.64
C ASN A 108 -6.91 15.15 12.03
N LEU A 109 -7.42 14.09 11.38
CA LEU A 109 -8.73 13.56 11.76
C LEU A 109 -8.73 13.11 13.21
N GLU A 110 -7.60 12.59 13.66
CA GLU A 110 -7.47 12.17 15.05
C GLU A 110 -7.70 13.35 16.00
N ALA A 111 -7.21 14.54 15.65
CA ALA A 111 -7.26 15.66 16.59
C ALA A 111 -8.66 16.24 16.70
N ASN A 112 -9.25 16.63 15.58
CA ASN A 112 -10.53 17.31 15.54
C ASN A 112 -11.65 16.53 16.27
N GLY B 4 5.32 6.70 -19.16
CA GLY B 4 5.70 7.81 -18.29
C GLY B 4 5.26 7.67 -16.83
N ALA B 5 5.78 8.53 -15.94
CA ALA B 5 5.60 8.37 -14.50
C ALA B 5 4.47 9.23 -13.95
N GLU B 6 3.77 8.71 -12.93
CA GLU B 6 2.51 9.31 -12.51
C GLU B 6 1.97 8.58 -11.28
N ILE B 7 1.10 9.26 -10.55
CA ILE B 7 0.35 8.67 -9.46
C ILE B 7 -0.83 7.93 -10.07
N PRO B 8 -0.95 6.62 -9.90
CA PRO B 8 -2.01 5.89 -10.59
C PRO B 8 -3.35 6.27 -10.01
N LYS B 9 -4.38 6.20 -10.86
CA LYS B 9 -5.73 6.42 -10.35
C LYS B 9 -6.05 5.42 -9.23
N GLU B 10 -5.54 4.19 -9.35
CA GLU B 10 -5.81 3.15 -8.36
C GLU B 10 -5.28 3.54 -6.99
N MET B 11 -4.19 4.32 -6.96
CA MET B 11 -3.64 4.76 -5.68
C MET B 11 -4.54 5.81 -5.03
N LEU B 12 -5.01 6.79 -5.79
CA LEU B 12 -5.94 7.75 -5.19
C LEU B 12 -7.19 7.04 -4.67
N ARG B 13 -7.64 5.98 -5.36
CA ARG B 13 -8.77 5.20 -4.85
C ARG B 13 -8.45 4.53 -3.51
N ALA B 14 -7.34 3.81 -3.47
CA ALA B 14 -6.98 3.15 -2.22
C ALA B 14 -6.74 4.16 -1.09
N GLN B 15 -6.23 5.35 -1.41
CA GLN B 15 -6.03 6.39 -0.40
C GLN B 15 -7.34 6.84 0.19
N THR B 16 -8.32 7.11 -0.67
CA THR B 16 -9.62 7.48 -0.16
C THR B 16 -10.13 6.39 0.77
N ASN B 17 -9.92 5.13 0.39
CA ASN B 17 -10.41 4.02 1.20
C ASN B 17 -9.74 4.02 2.58
N VAL B 18 -8.44 4.20 2.62
CA VAL B 18 -7.75 4.22 3.90
C VAL B 18 -8.26 5.36 4.78
N ILE B 19 -8.51 6.52 4.16
CA ILE B 19 -8.96 7.67 4.94
C ILE B 19 -10.33 7.38 5.55
N LEU B 20 -11.22 6.79 4.76
CA LEU B 20 -12.54 6.47 5.27
C LEU B 20 -12.47 5.45 6.40
N LEU B 21 -11.67 4.41 6.21
CA LEU B 21 -11.55 3.40 7.26
C LEU B 21 -11.07 4.03 8.55
N ASN B 22 -10.13 4.97 8.46
CA ASN B 22 -9.67 5.64 9.68
C ASN B 22 -10.76 6.46 10.32
N VAL B 23 -11.54 7.19 9.51
CA VAL B 23 -12.64 7.98 10.08
C VAL B 23 -13.59 7.08 10.85
N LEU B 24 -13.94 5.93 10.28
CA LEU B 24 -14.86 5.03 10.98
C LEU B 24 -14.23 4.38 12.21
N LYS B 25 -12.91 4.17 12.18
CA LYS B 25 -12.23 3.70 13.39
C LYS B 25 -12.30 4.73 14.51
N GLN B 26 -12.32 6.02 14.18
CA GLN B 26 -12.49 7.06 15.20
C GLN B 26 -13.78 6.84 15.99
N GLY B 27 -14.80 6.30 15.34
CA GLY B 27 -16.13 6.10 15.89
C GLY B 27 -17.18 6.16 14.80
N ASP B 28 -18.31 5.49 15.06
CA ASP B 28 -19.39 5.38 14.08
C ASP B 28 -19.78 6.75 13.56
N ASN B 29 -20.16 6.82 12.27
CA ASN B 29 -20.39 8.12 11.66
C ASN B 29 -21.29 7.92 10.45
N TYR B 30 -21.76 9.06 9.92
CA TYR B 30 -22.64 9.11 8.76
C TYR B 30 -21.99 9.96 7.69
N VAL B 31 -22.47 9.77 6.47
CA VAL B 31 -21.77 10.23 5.28
C VAL B 31 -21.46 11.73 5.36
N TYR B 32 -22.47 12.52 5.77
CA TYR B 32 -22.30 13.97 5.87
C TYR B 32 -21.24 14.34 6.90
N GLY B 33 -21.35 13.75 8.10
CA GLY B 33 -20.38 14.06 9.13
C GLY B 33 -18.99 13.67 8.69
N ILE B 34 -18.89 12.54 7.99
CA ILE B 34 -17.63 12.06 7.45
C ILE B 34 -17.02 13.09 6.50
N ILE B 35 -17.83 13.59 5.56
CA ILE B 35 -17.30 14.55 4.60
C ILE B 35 -16.82 15.81 5.31
N LYS B 36 -17.57 16.27 6.31
CA LYS B 36 -17.17 17.48 7.02
C LYS B 36 -15.82 17.26 7.71
N GLN B 37 -15.67 16.13 8.40
CA GLN B 37 -14.42 15.87 9.10
C GLN B 37 -13.25 15.74 8.13
N VAL B 38 -13.45 15.03 7.02
CA VAL B 38 -12.37 14.85 6.04
C VAL B 38 -11.99 16.18 5.41
N LYS B 39 -12.97 17.02 5.13
CA LYS B 39 -12.68 18.32 4.55
C LYS B 39 -11.88 19.21 5.51
N GLU B 40 -12.25 19.23 6.80
CA GLU B 40 -11.51 20.07 7.75
C GLU B 40 -10.13 19.50 8.07
N ALA B 41 -10.00 18.17 8.05
CA ALA B 41 -8.70 17.56 8.28
C ALA B 41 -7.76 17.72 7.09
N SER B 42 -8.30 17.82 5.87
CA SER B 42 -7.51 18.05 4.67
C SER B 42 -7.34 19.53 4.35
N ASN B 43 -7.58 20.41 5.33
CA ASN B 43 -7.51 21.86 5.16
C ASN B 43 -8.38 22.34 4.01
N GLY B 44 -9.40 21.56 3.66
CA GLY B 44 -10.36 21.94 2.67
C GLY B 44 -10.12 21.37 1.29
N GLU B 45 -9.05 20.62 1.08
CA GLU B 45 -8.79 20.21 -0.29
C GLU B 45 -9.43 18.90 -0.68
N MET B 46 -9.92 18.08 0.26
CA MET B 46 -10.50 16.79 -0.13
C MET B 46 -11.97 16.73 0.26
N GLU B 47 -12.82 17.08 -0.70
CA GLU B 47 -14.25 16.95 -0.57
C GLU B 47 -14.66 15.71 -1.33
N LEU B 48 -15.13 14.70 -0.60
CA LEU B 48 -15.61 13.50 -1.25
C LEU B 48 -17.06 13.73 -1.67
N ASN B 49 -17.47 13.19 -2.81
CA ASN B 49 -18.87 13.33 -3.18
C ASN B 49 -19.65 12.15 -2.60
N GLU B 50 -20.86 12.43 -2.13
CA GLU B 50 -21.56 11.38 -1.40
C GLU B 50 -21.97 10.23 -2.30
N ALA B 51 -22.25 10.47 -3.58
CA ALA B 51 -22.68 9.36 -4.44
C ALA B 51 -21.60 8.30 -4.51
N THR B 52 -20.36 8.72 -4.75
CA THR B 52 -19.25 7.77 -4.76
C THR B 52 -19.05 7.18 -3.37
N LEU B 53 -19.18 7.99 -2.32
CA LEU B 53 -19.13 7.44 -0.97
C LEU B 53 -20.12 6.30 -0.79
N TYR B 54 -21.33 6.45 -1.31
CA TYR B 54 -22.32 5.41 -1.11
C TYR B 54 -21.96 4.18 -1.91
N THR B 55 -21.51 4.36 -3.15
CA THR B 55 -21.08 3.20 -3.92
C THR B 55 -19.96 2.47 -3.20
N ILE B 56 -19.03 3.23 -2.61
CA ILE B 56 -17.90 2.65 -1.91
C ILE B 56 -18.37 1.86 -0.69
N PHE B 57 -19.26 2.45 0.10
CA PHE B 57 -19.75 1.75 1.28
C PHE B 57 -20.56 0.52 0.90
N ASP B 58 -21.21 0.57 -0.26
CA ASP B 58 -21.89 -0.61 -0.77
C ASP B 58 -20.89 -1.72 -1.06
N ARG B 59 -19.86 -1.43 -1.85
CA ARG B 59 -18.89 -2.48 -2.15
C ARG B 59 -18.09 -2.91 -0.93
N LEU B 60 -18.13 -2.14 0.18
CA LEU B 60 -17.52 -2.60 1.43
C LEU B 60 -18.45 -3.39 2.33
N GLU B 61 -19.77 -3.24 2.21
CA GLU B 61 -20.61 -4.03 3.10
C GLU B 61 -20.78 -5.46 2.59
N GLN B 62 -20.83 -5.66 1.27
CA GLN B 62 -20.98 -7.04 0.78
C GLN B 62 -19.82 -7.90 1.23
N ASP B 63 -18.65 -7.31 1.38
CA ASP B 63 -17.47 -7.98 1.89
C ASP B 63 -17.31 -7.89 3.40
N GLY B 64 -18.28 -7.33 4.11
CA GLY B 64 -18.33 -7.46 5.56
C GLY B 64 -17.36 -6.64 6.39
N ILE B 65 -16.70 -5.64 5.79
CA ILE B 65 -15.77 -4.84 6.57
C ILE B 65 -16.48 -3.88 7.49
N ILE B 66 -17.70 -3.47 7.11
CA ILE B 66 -18.49 -2.50 7.84
C ILE B 66 -19.95 -2.96 7.93
N SER B 67 -20.65 -2.38 8.90
CA SER B 67 -22.08 -2.58 9.07
C SER B 67 -22.75 -1.21 9.17
N SER B 68 -24.08 -1.22 9.09
CA SER B 68 -24.85 0.02 9.08
C SER B 68 -26.07 -0.12 9.95
N TYR B 69 -26.43 0.96 10.66
CA TYR B 69 -27.63 0.99 11.48
C TYR B 69 -28.27 2.37 11.43
N TRP B 70 -29.58 2.41 11.69
CA TRP B 70 -30.36 3.65 11.64
C TRP B 70 -30.32 4.38 12.98
N GLY B 71 -29.78 5.60 13.00
CA GLY B 71 -29.95 6.44 14.17
C GLY B 71 -31.39 6.91 14.30
N ASP B 72 -31.92 6.87 15.51
CA ASP B 72 -33.31 7.25 15.67
C ASP B 72 -33.42 8.78 15.75
N ARG B 78 -33.92 10.58 11.01
CA ARG B 78 -33.37 9.33 10.49
C ARG B 78 -32.03 9.55 9.81
N ARG B 79 -30.97 9.00 10.41
CA ARG B 79 -29.61 9.09 9.88
C ARG B 79 -28.93 7.74 9.91
N LYS B 80 -28.28 7.38 8.80
CA LYS B 80 -27.72 6.05 8.59
C LYS B 80 -26.25 6.04 8.99
N TYR B 81 -25.94 5.38 10.10
CA TYR B 81 -24.59 5.32 10.67
C TYR B 81 -23.85 4.06 10.22
N TYR B 82 -22.53 4.19 10.12
CA TYR B 82 -21.66 3.07 9.73
C TYR B 82 -20.69 2.76 10.86
N ARG B 83 -20.61 1.49 11.23
CA ARG B 83 -19.68 0.98 12.24
C ARG B 83 -18.70 0.04 11.55
N LEU B 84 -17.50 -0.07 12.12
CA LEU B 84 -16.51 -1.03 11.66
C LEU B 84 -16.68 -2.33 12.43
N THR B 85 -16.73 -3.45 11.70
CA THR B 85 -17.02 -4.75 12.27
C THR B 85 -15.80 -5.34 12.99
N GLU B 86 -16.08 -6.31 13.88
CA GLU B 86 -15.02 -7.04 14.57
C GLU B 86 -14.04 -7.65 13.57
N ILE B 87 -14.59 -8.21 12.48
CA ILE B 87 -13.80 -8.71 11.36
C ILE B 87 -12.83 -7.64 10.86
N GLY B 88 -13.38 -6.46 10.58
CA GLY B 88 -12.57 -5.37 10.05
C GLY B 88 -11.51 -4.90 11.02
N HIS B 89 -11.83 -4.91 12.32
CA HIS B 89 -10.82 -4.57 13.31
C HIS B 89 -9.68 -5.57 13.27
N GLU B 90 -9.99 -6.87 13.21
CA GLU B 90 -8.89 -7.81 13.15
C GLU B 90 -8.17 -7.74 11.81
N ASN B 91 -8.84 -7.28 10.76
CA ASN B 91 -8.13 -7.02 9.51
C ASN B 91 -7.14 -5.87 9.67
N CYS B 92 -7.55 -4.77 10.32
CA CYS B 92 -6.61 -3.68 10.61
C CYS B 92 -5.41 -4.21 11.35
N ARG B 93 -5.67 -5.00 12.38
CA ARG B 93 -4.63 -5.52 13.26
C ARG B 93 -3.64 -6.40 12.50
N LEU B 94 -4.15 -7.41 11.77
CA LEU B 94 -3.29 -8.33 11.01
C LEU B 94 -2.47 -7.58 9.97
N ALA B 95 -3.12 -6.68 9.22
CA ALA B 95 -2.41 -5.93 8.21
C ALA B 95 -1.27 -5.12 8.82
N PHE B 96 -1.54 -4.41 9.92
CA PHE B 96 -0.50 -3.59 10.52
C PHE B 96 0.67 -4.45 10.98
N GLU B 97 0.39 -5.60 11.59
CA GLU B 97 1.50 -6.43 12.06
C GLU B 97 2.36 -6.90 10.89
N SER B 98 1.71 -7.47 9.89
CA SER B 98 2.41 -7.96 8.70
C SER B 98 3.18 -6.84 7.98
N TRP B 99 2.65 -5.63 8.03
CA TRP B 99 3.29 -4.52 7.34
C TRP B 99 4.42 -3.91 8.17
N SER B 100 4.33 -3.96 9.49
CA SER B 100 5.47 -3.50 10.28
C SER B 100 6.62 -4.50 10.19
N ARG B 101 6.32 -5.79 9.99
CA ARG B 101 7.39 -6.74 9.67
C ARG B 101 8.06 -6.39 8.34
N VAL B 102 7.24 -6.09 7.32
CA VAL B 102 7.78 -5.68 6.02
C VAL B 102 8.67 -4.45 6.19
N ARG B 103 8.24 -3.49 7.04
CA ARG B 103 9.04 -2.30 7.26
C ARG B 103 10.36 -2.63 7.95
N LYS B 104 10.32 -3.58 8.90
CA LYS B 104 11.56 -4.05 9.50
C LYS B 104 12.50 -4.62 8.44
N ILE B 105 11.95 -5.43 7.51
CA ILE B 105 12.78 -6.01 6.46
C ILE B 105 13.42 -4.91 5.62
N ILE B 106 12.66 -3.86 5.35
CA ILE B 106 13.17 -2.76 4.55
C ILE B 106 14.32 -2.07 5.27
N GLU B 107 14.13 -1.75 6.56
CA GLU B 107 15.20 -1.12 7.33
C GLU B 107 16.46 -1.99 7.34
N ASN B 108 16.29 -3.31 7.48
CA ASN B 108 17.46 -4.19 7.47
C ASN B 108 18.15 -4.16 6.12
N LEU B 109 17.40 -4.17 5.02
CA LEU B 109 18.02 -4.09 3.70
C LEU B 109 18.75 -2.76 3.52
N GLU B 110 18.18 -1.70 4.07
CA GLU B 110 18.78 -0.37 3.98
C GLU B 110 20.19 -0.36 4.58
N ALA B 111 20.50 -1.39 5.36
CA ALA B 111 21.81 -1.50 6.00
C ALA B 111 22.73 -2.43 5.22
N ASN B 112 23.66 -3.07 5.92
CA ASN B 112 24.60 -3.99 5.29
C ASN B 112 25.48 -3.30 4.26
#